data_8GYG
#
_entry.id   8GYG
#
_cell.length_a   55.170
_cell.length_b   61.380
_cell.length_c   89.600
_cell.angle_alpha   90.000
_cell.angle_beta   97.880
_cell.angle_gamma   90.000
#
_symmetry.space_group_name_H-M   'P 1 21 1'
#
loop_
_entity.id
_entity.type
_entity.pdbx_description
1 polymer Arysulfatase
2 non-polymer 'CALCIUM ION'
3 non-polymer 'MANGANESE (II) ION'
4 water water
#
_entity_poly.entity_id   1
_entity_poly.type   'polypeptide(L)'
_entity_poly.pdbx_seq_one_letter_code
;DSASDVKDEWITLGTMGGPIPHATHSQPSNALFVNGHTYIVDAGDGTVGQLTKAGLKTTDVDAVFISHLHFDHTGGLPAL
LSLRWQVNAGNELTVYGPPGIKETVDGIFAFMKYGAAGHYGVPGQIPEPANRKVNVVELTDGDKVSLEDFTLTAVRNTHF
SWPEGSDEWKKYQALSFKFELEDYTVVYTGDTGPSKAVELLAKNADMLISEMMDVEHTVNLVKRAHPHMPAQASKHLSQH
LSTHHLTSGEVGQLAANANVKKVVITHMAPGLTAPAEYKKYSNEIAAFYQGDITLANDLDRFLLQR
;
_entity_poly.pdbx_strand_id   A,B
#
loop_
_chem_comp.id
_chem_comp.type
_chem_comp.name
_chem_comp.formula
CA non-polymer 'CALCIUM ION' 'Ca 2'
MN non-polymer 'MANGANESE (II) ION' 'Mn 2'
#
# COMPACT_ATOMS: atom_id res chain seq x y z
N LYS A 7 7.70 -12.51 23.23
CA LYS A 7 6.53 -13.39 23.10
C LYS A 7 5.37 -12.61 22.49
N ASP A 8 4.33 -12.30 23.27
CA ASP A 8 3.24 -11.48 22.76
C ASP A 8 3.73 -10.05 22.53
N GLU A 9 3.33 -9.44 21.41
CA GLU A 9 3.99 -8.21 20.98
C GLU A 9 3.06 -7.30 20.19
N TRP A 10 3.20 -6.01 20.44
CA TRP A 10 2.66 -4.98 19.57
C TRP A 10 3.80 -4.43 18.71
N ILE A 11 3.56 -4.32 17.40
CA ILE A 11 4.54 -3.74 16.49
C ILE A 11 3.88 -2.55 15.81
N THR A 12 4.47 -1.37 15.97
CA THR A 12 4.03 -0.17 15.27
C THR A 12 4.65 -0.17 13.87
N LEU A 13 3.91 -0.70 12.90
CA LEU A 13 4.41 -0.93 11.55
C LEU A 13 4.49 0.38 10.75
N GLY A 14 3.43 1.17 10.79
CA GLY A 14 3.50 2.52 10.24
C GLY A 14 3.05 3.54 11.25
N THR A 15 3.83 4.62 11.41
CA THR A 15 3.64 5.56 12.51
C THR A 15 3.18 6.93 12.07
N MET A 16 2.97 7.14 10.77
CA MET A 16 2.49 8.42 10.30
C MET A 16 1.03 8.63 10.69
N GLY A 17 0.68 9.89 10.93
CA GLY A 17 -0.72 10.27 11.06
C GLY A 17 -1.16 11.02 9.81
N GLY A 18 -2.36 10.72 9.34
CA GLY A 18 -2.96 11.43 8.25
C GLY A 18 -2.59 10.89 6.87
N PRO A 19 -3.26 11.40 5.84
CA PRO A 19 -3.12 10.85 4.48
C PRO A 19 -2.02 11.49 3.64
N ILE A 20 -1.30 12.46 4.18
CA ILE A 20 -0.15 13.02 3.48
C ILE A 20 1.05 12.16 3.86
N PRO A 21 1.49 11.28 2.97
CA PRO A 21 2.51 10.29 3.35
C PRO A 21 3.84 10.95 3.67
N HIS A 22 4.67 10.20 4.42
CA HIS A 22 5.96 10.63 4.89
C HIS A 22 7.03 9.60 4.51
N ALA A 23 8.25 10.10 4.21
CA ALA A 23 9.30 9.22 3.69
C ALA A 23 9.83 8.25 4.75
N THR A 24 9.84 8.62 6.03
CA THR A 24 10.32 7.69 7.07
C THR A 24 9.25 7.28 8.07
N HIS A 25 7.98 7.59 7.82
CA HIS A 25 6.87 7.17 8.66
C HIS A 25 5.79 6.58 7.76
N SER A 26 5.65 5.25 7.76
CA SER A 26 4.69 4.60 6.89
C SER A 26 3.27 4.86 7.38
N GLN A 27 2.29 4.61 6.51
CA GLN A 27 0.90 4.89 6.83
C GLN A 27 0.41 4.02 7.98
N PRO A 28 -0.60 4.53 8.76
CA PRO A 28 -1.18 3.77 9.88
C PRO A 28 -1.28 2.26 9.70
N SER A 29 -0.54 1.54 10.52
CA SER A 29 -0.46 0.09 10.42
C SER A 29 0.11 -0.44 11.71
N ASN A 30 -0.49 -1.50 12.24
CA ASN A 30 -0.03 -2.11 13.49
C ASN A 30 -0.17 -3.61 13.34
N ALA A 31 0.73 -4.36 14.00
CA ALA A 31 0.61 -5.80 14.14
C ALA A 31 0.45 -6.17 15.62
N LEU A 32 -0.51 -7.04 15.90
CA LEU A 32 -0.77 -7.61 17.21
C LEU A 32 -0.42 -9.09 17.16
N PHE A 33 0.58 -9.51 17.93
CA PHE A 33 1.10 -10.88 17.91
C PHE A 33 0.86 -11.53 19.27
N VAL A 34 -0.08 -12.49 19.32
CA VAL A 34 -0.56 -13.09 20.57
C VAL A 34 -0.68 -14.61 20.38
N ASN A 35 0.00 -15.37 21.24
CA ASN A 35 -0.04 -16.84 21.20
C ASN A 35 0.33 -17.37 19.80
N GLY A 36 1.39 -16.80 19.23
CA GLY A 36 1.89 -17.24 17.94
C GLY A 36 1.05 -16.85 16.74
N HIS A 37 -0.01 -16.07 16.95
CA HIS A 37 -0.98 -15.73 15.92
C HIS A 37 -0.88 -14.25 15.58
N THR A 38 -1.06 -13.91 14.30
CA THR A 38 -0.83 -12.56 13.81
C THR A 38 -2.14 -11.83 13.58
N TYR A 39 -2.26 -10.62 14.12
CA TYR A 39 -3.40 -9.76 13.88
C TYR A 39 -2.93 -8.38 13.43
N ILE A 40 -3.76 -7.73 12.60
CA ILE A 40 -3.48 -6.39 12.11
C ILE A 40 -4.49 -5.43 12.73
N VAL A 41 -4.00 -4.27 13.18
CA VAL A 41 -4.83 -3.21 13.73
C VAL A 41 -4.59 -1.98 12.88
N ASP A 42 -5.60 -1.61 12.09
CA ASP A 42 -5.54 -0.59 11.03
C ASP A 42 -4.57 -1.02 9.92
N ALA A 43 -4.91 -0.69 8.66
CA ALA A 43 -4.26 -1.29 7.50
C ALA A 43 -4.11 -0.22 6.41
N GLY A 44 -3.28 0.80 6.67
CA GLY A 44 -2.96 1.81 5.67
C GLY A 44 -2.08 1.23 4.57
N ASP A 45 -1.76 2.06 3.58
CA ASP A 45 -0.93 1.61 2.47
C ASP A 45 0.36 0.98 2.99
N GLY A 46 0.75 -0.14 2.41
CA GLY A 46 2.02 -0.74 2.73
C GLY A 46 2.03 -1.65 3.95
N THR A 47 0.85 -1.97 4.49
CA THR A 47 0.77 -2.87 5.63
C THR A 47 1.39 -4.23 5.31
N VAL A 48 1.20 -4.72 4.09
CA VAL A 48 1.79 -6.00 3.67
C VAL A 48 3.31 -5.90 3.64
N GLY A 49 3.83 -4.81 3.06
CA GLY A 49 5.29 -4.63 3.05
C GLY A 49 5.86 -4.50 4.45
N GLN A 50 5.15 -3.79 5.33
CA GLN A 50 5.69 -3.51 6.66
C GLN A 50 5.65 -4.74 7.56
N LEU A 51 4.56 -5.51 7.54
CA LEU A 51 4.52 -6.72 8.36
C LEU A 51 5.61 -7.71 7.94
N THR A 52 5.94 -7.73 6.64
CA THR A 52 7.02 -8.59 6.16
C THR A 52 8.37 -8.11 6.67
N LYS A 53 8.58 -6.80 6.69
CA LYS A 53 9.82 -6.27 7.27
C LYS A 53 9.93 -6.60 8.75
N ALA A 54 8.81 -6.62 9.45
CA ALA A 54 8.79 -7.02 10.84
C ALA A 54 8.91 -8.54 11.04
N GLY A 55 9.22 -9.30 9.99
CA GLY A 55 9.41 -10.74 10.13
C GLY A 55 8.13 -11.54 10.20
N LEU A 56 6.99 -10.93 9.87
CA LEU A 56 5.70 -11.61 9.88
C LEU A 56 5.32 -12.02 8.46
N LYS A 57 4.26 -12.83 8.36
CA LYS A 57 3.86 -13.40 7.08
C LYS A 57 2.43 -13.01 6.76
N THR A 58 2.21 -12.61 5.51
CA THR A 58 0.87 -12.23 5.07
C THR A 58 -0.12 -13.38 5.23
N THR A 59 0.33 -14.61 4.97
CA THR A 59 -0.55 -15.77 5.08
C THR A 59 -0.90 -16.09 6.53
N ASP A 60 -0.16 -15.56 7.49
CA ASP A 60 -0.42 -15.78 8.90
C ASP A 60 -1.45 -14.83 9.50
N VAL A 61 -2.03 -13.91 8.73
CA VAL A 61 -2.94 -12.94 9.31
C VAL A 61 -4.31 -13.59 9.53
N ASP A 62 -4.75 -13.66 10.79
CA ASP A 62 -6.05 -14.26 11.10
C ASP A 62 -7.19 -13.25 11.18
N ALA A 63 -6.94 -12.02 11.63
CA ALA A 63 -7.99 -11.01 11.62
C ALA A 63 -7.38 -9.61 11.49
N VAL A 64 -8.18 -8.71 10.91
CA VAL A 64 -7.83 -7.29 10.81
C VAL A 64 -8.86 -6.50 11.62
N PHE A 65 -8.39 -5.47 12.33
CA PHE A 65 -9.26 -4.61 13.14
C PHE A 65 -9.12 -3.17 12.67
N ILE A 66 -10.22 -2.62 12.17
CA ILE A 66 -10.26 -1.29 11.55
C ILE A 66 -10.93 -0.30 12.51
N SER A 67 -10.17 0.70 12.96
CA SER A 67 -10.71 1.67 13.89
C SER A 67 -11.78 2.55 13.23
N HIS A 68 -11.50 3.06 12.02
CA HIS A 68 -12.48 3.85 11.29
C HIS A 68 -12.08 3.87 9.82
N LEU A 69 -12.99 4.41 9.00
CA LEU A 69 -12.93 4.19 7.55
C LEU A 69 -12.14 5.25 6.79
N HIS A 70 -11.35 6.07 7.46
CA HIS A 70 -10.47 6.98 6.74
C HIS A 70 -9.37 6.21 6.01
N PHE A 71 -9.01 6.67 4.81
CA PHE A 71 -8.21 5.80 3.94
C PHE A 71 -6.76 5.71 4.39
N ASP A 72 -6.30 6.63 5.24
CA ASP A 72 -4.98 6.40 5.80
C ASP A 72 -5.00 5.21 6.75
N HIS A 73 -6.20 4.74 7.14
CA HIS A 73 -6.33 3.56 7.98
C HIS A 73 -6.83 2.32 7.26
N THR A 74 -7.37 2.47 6.04
CA THR A 74 -7.82 1.33 5.24
C THR A 74 -7.14 1.20 3.88
N GLY A 75 -6.26 2.13 3.50
CA GLY A 75 -5.67 2.11 2.17
C GLY A 75 -5.01 0.81 1.76
N GLY A 76 -4.47 0.08 2.73
CA GLY A 76 -3.76 -1.15 2.43
C GLY A 76 -4.59 -2.40 2.56
N LEU A 77 -5.84 -2.27 2.99
CA LEU A 77 -6.69 -3.44 3.08
C LEU A 77 -6.94 -4.10 1.74
N PRO A 78 -7.15 -3.39 0.63
CA PRO A 78 -7.30 -4.10 -0.64
C PRO A 78 -6.07 -4.90 -1.02
N ALA A 79 -4.87 -4.45 -0.64
CA ALA A 79 -3.67 -5.21 -0.95
C ALA A 79 -3.63 -6.48 -0.12
N LEU A 80 -3.88 -6.36 1.17
CA LEU A 80 -3.82 -7.51 2.07
C LEU A 80 -4.77 -8.62 1.61
N LEU A 81 -6.01 -8.27 1.28
CA LEU A 81 -6.95 -9.32 0.90
C LEU A 81 -6.61 -9.92 -0.46
N SER A 82 -6.29 -9.08 -1.45
CA SER A 82 -6.08 -9.61 -2.78
C SER A 82 -4.81 -10.44 -2.85
N LEU A 83 -3.76 -10.05 -2.11
CA LEU A 83 -2.50 -10.78 -2.19
C LEU A 83 -2.60 -12.12 -1.47
N ARG A 84 -3.31 -12.15 -0.34
CA ARG A 84 -3.67 -13.43 0.28
C ARG A 84 -4.41 -14.32 -0.71
N TRP A 85 -5.43 -13.79 -1.39
CA TRP A 85 -6.12 -14.55 -2.44
C TRP A 85 -5.14 -15.09 -3.48
N GLN A 86 -4.24 -14.23 -3.97
CA GLN A 86 -3.38 -14.63 -5.08
C GLN A 86 -2.49 -15.83 -4.74
N VAL A 87 -2.11 -15.97 -3.46
CA VAL A 87 -1.29 -17.08 -3.03
C VAL A 87 -2.13 -18.20 -2.43
N ASN A 88 -3.45 -18.15 -2.59
CA ASN A 88 -4.34 -19.19 -2.09
C ASN A 88 -4.07 -19.49 -0.62
N ALA A 89 -4.04 -18.42 0.18
CA ALA A 89 -3.91 -18.58 1.63
C ALA A 89 -5.04 -19.45 2.18
N GLY A 90 -4.71 -20.31 3.15
CA GLY A 90 -5.61 -21.36 3.56
C GLY A 90 -6.36 -21.12 4.85
N ASN A 91 -5.92 -20.13 5.62
CA ASN A 91 -6.52 -19.82 6.91
C ASN A 91 -7.61 -18.76 6.73
N GLU A 92 -8.61 -18.83 7.61
CA GLU A 92 -9.73 -17.90 7.55
C GLU A 92 -9.33 -16.53 8.09
N LEU A 93 -9.84 -15.47 7.45
CA LEU A 93 -9.55 -14.11 7.88
C LEU A 93 -10.85 -13.37 8.13
N THR A 94 -10.90 -12.66 9.26
CA THR A 94 -12.08 -11.89 9.66
C THR A 94 -11.71 -10.42 9.77
N VAL A 95 -12.48 -9.57 9.11
CA VAL A 95 -12.28 -8.13 9.17
C VAL A 95 -13.32 -7.54 10.13
N TYR A 96 -12.84 -6.93 11.22
CA TYR A 96 -13.69 -6.18 12.12
C TYR A 96 -13.58 -4.68 11.80
N GLY A 97 -14.72 -3.98 11.84
CA GLY A 97 -14.72 -2.55 11.64
C GLY A 97 -16.06 -1.91 11.97
N PRO A 98 -16.12 -0.58 11.88
CA PRO A 98 -17.38 0.13 12.20
C PRO A 98 -18.42 -0.09 11.12
N PRO A 99 -19.64 0.41 11.32
CA PRO A 99 -20.65 0.30 10.25
C PRO A 99 -20.12 0.84 8.92
N GLY A 100 -20.46 0.13 7.85
CA GLY A 100 -19.90 0.40 6.54
C GLY A 100 -18.67 -0.42 6.17
N ILE A 101 -18.08 -1.13 7.12
CA ILE A 101 -16.94 -2.00 6.79
C ILE A 101 -17.37 -3.13 5.86
N LYS A 102 -18.64 -3.55 5.93
CA LYS A 102 -19.11 -4.62 5.05
C LYS A 102 -19.18 -4.13 3.61
N GLU A 103 -19.77 -2.96 3.39
CA GLU A 103 -19.81 -2.35 2.07
C GLU A 103 -18.41 -2.08 1.55
N THR A 104 -17.50 -1.68 2.44
CA THR A 104 -16.12 -1.38 2.09
C THR A 104 -15.40 -2.65 1.61
N VAL A 105 -15.48 -3.72 2.39
CA VAL A 105 -14.84 -4.98 1.98
C VAL A 105 -15.48 -5.52 0.71
N ASP A 106 -16.81 -5.41 0.59
CA ASP A 106 -17.46 -5.86 -0.63
C ASP A 106 -16.88 -5.15 -1.85
N GLY A 107 -16.57 -3.86 -1.72
CA GLY A 107 -15.92 -3.14 -2.81
C GLY A 107 -14.56 -3.71 -3.16
N ILE A 108 -13.81 -4.20 -2.16
CA ILE A 108 -12.54 -4.87 -2.42
C ILE A 108 -12.76 -6.10 -3.30
N PHE A 109 -13.80 -6.88 -3.00
CA PHE A 109 -14.10 -8.04 -3.83
C PHE A 109 -14.46 -7.62 -5.24
N ALA A 110 -15.12 -6.45 -5.40
CA ALA A 110 -15.41 -5.93 -6.73
C ALA A 110 -14.15 -5.44 -7.44
N PHE A 111 -13.20 -4.89 -6.70
CA PHE A 111 -11.91 -4.51 -7.28
C PHE A 111 -11.17 -5.76 -7.76
N MET A 112 -11.29 -6.85 -7.00
CA MET A 112 -10.62 -8.09 -7.33
C MET A 112 -11.27 -8.85 -8.48
N LYS A 113 -12.55 -8.62 -8.75
CA LYS A 113 -13.33 -9.61 -9.48
C LYS A 113 -12.71 -9.95 -10.84
N TYR A 114 -12.45 -8.95 -11.66
CA TYR A 114 -12.00 -9.22 -13.02
C TYR A 114 -10.63 -9.89 -13.02
N GLY A 115 -9.69 -9.34 -12.25
CA GLY A 115 -8.35 -9.90 -12.19
C GLY A 115 -8.34 -11.33 -11.68
N ALA A 116 -9.14 -11.63 -10.65
CA ALA A 116 -9.25 -13.00 -10.15
C ALA A 116 -9.83 -13.94 -11.21
N ALA A 117 -10.84 -13.47 -11.96
CA ALA A 117 -11.41 -14.29 -13.02
C ALA A 117 -10.39 -14.61 -14.10
N GLY A 118 -9.50 -13.66 -14.41
CA GLY A 118 -8.42 -13.97 -15.33
C GLY A 118 -7.45 -14.97 -14.76
N HIS A 119 -7.08 -14.80 -13.49
CA HIS A 119 -6.12 -15.65 -12.79
C HIS A 119 -4.81 -15.65 -13.59
N PRO A 129 -13.74 -17.72 -5.98
CA PRO A 129 -14.25 -16.36 -5.84
C PRO A 129 -13.33 -15.49 -4.97
N ALA A 130 -13.50 -14.17 -5.12
CA ALA A 130 -12.62 -13.23 -4.43
C ALA A 130 -12.85 -13.22 -2.92
N ASN A 131 -14.09 -13.51 -2.47
CA ASN A 131 -14.40 -13.50 -1.05
C ASN A 131 -14.05 -14.82 -0.36
N ARG A 132 -13.20 -15.64 -0.97
CA ARG A 132 -12.84 -16.93 -0.39
C ARG A 132 -12.20 -16.73 0.97
N LYS A 133 -12.75 -17.42 2.00
CA LYS A 133 -12.17 -17.47 3.34
C LYS A 133 -12.05 -16.10 3.98
N VAL A 134 -13.04 -15.23 3.75
CA VAL A 134 -13.06 -13.89 4.31
C VAL A 134 -14.41 -13.66 4.98
N ASN A 135 -14.38 -13.32 6.26
CA ASN A 135 -15.58 -12.99 7.04
C ASN A 135 -15.52 -11.53 7.49
N VAL A 136 -16.66 -10.85 7.50
CA VAL A 136 -16.73 -9.44 7.93
C VAL A 136 -17.68 -9.34 9.12
N VAL A 137 -17.21 -8.71 10.19
CA VAL A 137 -18.04 -8.41 11.37
C VAL A 137 -18.08 -6.90 11.56
N GLU A 138 -19.28 -6.33 11.59
CA GLU A 138 -19.46 -4.92 11.92
C GLU A 138 -19.57 -4.74 13.42
N LEU A 139 -18.79 -3.80 13.96
CA LEU A 139 -18.83 -3.42 15.36
C LEU A 139 -19.53 -2.07 15.50
N THR A 140 -20.38 -1.93 16.51
CA THR A 140 -20.94 -0.66 16.92
C THR A 140 -20.51 -0.36 18.36
N ASP A 141 -20.80 0.86 18.83
CA ASP A 141 -20.34 1.30 20.13
C ASP A 141 -20.75 0.33 21.24
N GLY A 142 -19.78 -0.02 22.08
CA GLY A 142 -20.01 -0.91 23.19
C GLY A 142 -19.96 -2.39 22.89
N ASP A 143 -19.75 -2.79 21.64
CA ASP A 143 -19.68 -4.21 21.32
C ASP A 143 -18.44 -4.82 21.95
N LYS A 144 -18.61 -6.02 22.52
CA LYS A 144 -17.52 -6.84 23.03
C LYS A 144 -17.52 -8.16 22.27
N VAL A 145 -16.35 -8.61 21.84
CA VAL A 145 -16.23 -9.88 21.12
C VAL A 145 -15.12 -10.68 21.78
N SER A 146 -15.44 -11.94 22.10
CA SER A 146 -14.52 -12.81 22.82
C SER A 146 -13.89 -13.75 21.80
N LEU A 147 -12.60 -13.57 21.56
CA LEU A 147 -11.79 -14.45 20.74
C LEU A 147 -10.89 -15.29 21.66
N GLU A 148 -10.13 -16.20 21.07
CA GLU A 148 -9.37 -17.14 21.89
C GLU A 148 -8.17 -16.48 22.54
N ASP A 149 -7.54 -15.52 21.84
CA ASP A 149 -6.32 -14.89 22.34
C ASP A 149 -6.57 -13.59 23.09
N PHE A 150 -7.73 -12.95 22.92
CA PHE A 150 -8.00 -11.74 23.68
C PHE A 150 -9.49 -11.44 23.61
N THR A 151 -9.94 -10.59 24.53
CA THR A 151 -11.28 -10.04 24.49
C THR A 151 -11.20 -8.58 24.03
N LEU A 152 -12.03 -8.23 23.06
CA LEU A 152 -12.01 -6.91 22.44
C LEU A 152 -13.26 -6.12 22.79
N THR A 153 -13.08 -4.84 23.09
CA THR A 153 -14.18 -3.89 23.25
C THR A 153 -13.96 -2.68 22.34
N ALA A 154 -15.03 -2.26 21.67
CA ALA A 154 -15.01 -1.11 20.79
C ALA A 154 -15.95 -0.04 21.33
N VAL A 155 -15.51 1.22 21.33
CA VAL A 155 -16.35 2.34 21.76
C VAL A 155 -16.25 3.46 20.74
N ARG A 156 -17.38 4.09 20.45
CA ARG A 156 -17.39 5.29 19.62
C ARG A 156 -16.68 6.42 20.34
N ASN A 157 -15.78 7.11 19.63
CA ASN A 157 -14.98 8.17 20.22
C ASN A 157 -15.39 9.51 19.60
N THR A 158 -14.57 10.54 19.81
CA THR A 158 -14.93 11.89 19.37
C THR A 158 -14.27 12.29 18.05
N HIS A 159 -13.82 11.33 17.25
CA HIS A 159 -13.18 11.68 15.98
C HIS A 159 -14.16 12.31 15.02
N PHE A 160 -15.45 11.96 15.13
CA PHE A 160 -16.51 12.57 14.35
C PHE A 160 -17.36 13.44 15.27
N SER A 161 -18.09 14.38 14.67
CA SER A 161 -18.88 15.35 15.41
C SER A 161 -20.36 15.26 15.05
N TRP A 162 -20.84 14.07 14.77
CA TRP A 162 -22.25 14.00 14.46
C TRP A 162 -23.05 14.12 15.75
N PRO A 163 -24.17 14.85 15.72
CA PRO A 163 -24.98 14.99 16.94
C PRO A 163 -25.52 13.63 17.39
N GLU A 164 -25.32 13.35 18.68
CA GLU A 164 -25.72 12.06 19.22
C GLU A 164 -27.22 11.84 19.00
N GLY A 165 -27.57 10.66 18.51
CA GLY A 165 -28.94 10.32 18.22
C GLY A 165 -29.34 10.48 16.76
N SER A 166 -28.58 11.26 15.98
CA SER A 166 -28.84 11.42 14.56
C SER A 166 -28.54 10.12 13.82
N ASP A 167 -29.03 10.05 12.56
CA ASP A 167 -28.69 8.93 11.71
C ASP A 167 -27.20 8.87 11.42
N GLU A 168 -26.58 10.02 11.15
CA GLU A 168 -25.13 10.07 10.95
C GLU A 168 -24.37 9.52 12.15
N TRP A 169 -24.84 9.80 13.38
CA TRP A 169 -24.16 9.36 14.59
C TRP A 169 -24.16 7.83 14.71
N LYS A 170 -25.20 7.18 14.17
CA LYS A 170 -25.20 5.72 14.16
C LYS A 170 -24.45 5.19 12.95
N LYS A 171 -24.73 5.77 11.77
CA LYS A 171 -24.18 5.31 10.50
C LYS A 171 -22.66 5.49 10.40
N TYR A 172 -22.12 6.52 11.05
CA TYR A 172 -20.70 6.89 10.90
C TYR A 172 -20.06 6.96 12.27
N GLN A 173 -19.31 5.92 12.67
CA GLN A 173 -18.61 5.91 13.95
C GLN A 173 -17.12 5.69 13.75
N ALA A 174 -16.33 6.37 14.58
CA ALA A 174 -14.91 6.05 14.74
C ALA A 174 -14.74 5.36 16.08
N LEU A 175 -14.05 4.22 16.10
CA LEU A 175 -13.91 3.42 17.30
C LEU A 175 -12.51 3.51 17.90
N SER A 176 -12.47 3.38 19.21
CA SER A 176 -11.26 3.04 19.97
C SER A 176 -11.39 1.60 20.48
N PHE A 177 -10.24 0.93 20.62
CA PHE A 177 -10.19 -0.52 20.86
C PHE A 177 -9.49 -0.84 22.18
N LYS A 178 -10.09 -1.73 22.96
CA LYS A 178 -9.47 -2.36 24.12
C LYS A 178 -9.23 -3.83 23.79
N PHE A 179 -7.98 -4.28 23.92
CA PHE A 179 -7.62 -5.68 23.72
C PHE A 179 -7.23 -6.26 25.08
N GLU A 180 -8.08 -7.14 25.62
CA GLU A 180 -7.85 -7.75 26.92
C GLU A 180 -7.23 -9.12 26.68
N LEU A 181 -5.91 -9.18 26.78
CA LEU A 181 -5.19 -10.45 26.76
C LEU A 181 -5.40 -11.17 28.07
N GLU A 182 -4.90 -12.41 28.15
CA GLU A 182 -5.05 -13.18 29.37
C GLU A 182 -4.39 -12.46 30.55
N ASP A 183 -3.25 -11.83 30.31
CA ASP A 183 -2.49 -11.21 31.39
C ASP A 183 -1.95 -9.83 30.98
N TYR A 184 -2.73 -9.09 30.20
CA TYR A 184 -2.30 -7.77 29.71
C TYR A 184 -3.47 -7.07 29.07
N THR A 185 -3.56 -5.75 29.28
CA THR A 185 -4.61 -4.93 28.69
C THR A 185 -3.96 -3.76 27.95
N VAL A 186 -4.25 -3.66 26.65
CA VAL A 186 -3.73 -2.55 25.85
C VAL A 186 -4.90 -1.82 25.19
N VAL A 187 -4.88 -0.49 25.27
CA VAL A 187 -5.88 0.36 24.63
C VAL A 187 -5.23 1.11 23.48
N TYR A 188 -5.87 1.03 22.32
CA TYR A 188 -5.48 1.72 21.09
C TYR A 188 -6.56 2.75 20.80
N THR A 189 -6.19 4.03 20.78
CA THR A 189 -7.18 5.08 20.59
C THR A 189 -7.75 5.10 19.17
N GLY A 190 -6.94 4.73 18.19
CA GLY A 190 -7.32 5.12 16.85
C GLY A 190 -7.25 6.64 16.79
N ASP A 191 -8.01 7.20 15.86
CA ASP A 191 -8.12 8.65 15.75
C ASP A 191 -9.25 9.12 16.67
N THR A 192 -8.95 10.12 17.49
CA THR A 192 -9.96 10.64 18.40
C THR A 192 -9.52 12.03 18.85
N GLY A 193 -10.50 12.86 19.21
CA GLY A 193 -10.22 14.02 20.01
C GLY A 193 -10.30 13.65 21.48
N PRO A 194 -10.19 14.62 22.37
CA PRO A 194 -10.45 14.36 23.79
C PRO A 194 -11.81 13.68 23.94
N SER A 195 -11.86 12.64 24.77
CA SER A 195 -13.07 11.82 24.85
C SER A 195 -13.19 11.19 26.23
N LYS A 196 -14.37 11.36 26.84
CA LYS A 196 -14.65 10.69 28.10
C LYS A 196 -14.77 9.18 27.91
N ALA A 197 -15.41 8.76 26.81
CA ALA A 197 -15.50 7.33 26.52
C ALA A 197 -14.12 6.69 26.49
N VAL A 198 -13.17 7.30 25.75
CA VAL A 198 -11.83 6.74 25.67
C VAL A 198 -11.18 6.70 27.04
N GLU A 199 -11.33 7.80 27.80
CA GLU A 199 -10.79 7.87 29.16
C GLU A 199 -11.26 6.71 30.02
N LEU A 200 -12.56 6.38 29.94
CA LEU A 200 -13.09 5.26 30.72
C LEU A 200 -12.57 3.93 30.21
N LEU A 201 -12.63 3.72 28.89
CA LEU A 201 -12.14 2.48 28.30
C LEU A 201 -10.71 2.17 28.72
N ALA A 202 -9.87 3.20 28.82
CA ALA A 202 -8.45 3.00 29.07
C ALA A 202 -8.10 2.95 30.54
N LYS A 203 -9.10 2.89 31.42
CA LYS A 203 -8.87 2.92 32.86
C LYS A 203 -7.86 1.87 33.27
N ASN A 204 -6.75 2.30 33.88
CA ASN A 204 -5.76 1.39 34.45
C ASN A 204 -5.20 0.40 33.42
N ALA A 205 -5.26 0.71 32.13
CA ALA A 205 -4.70 -0.18 31.13
C ALA A 205 -3.19 -0.33 31.33
N ASP A 206 -2.66 -1.49 30.93
CA ASP A 206 -1.22 -1.69 30.99
C ASP A 206 -0.49 -0.84 29.96
N MET A 207 -1.13 -0.58 28.81
CA MET A 207 -0.47 0.16 27.74
C MET A 207 -1.52 0.96 26.97
N LEU A 208 -1.26 2.25 26.80
CA LEU A 208 -2.06 3.13 25.97
C LEU A 208 -1.28 3.40 24.68
N ILE A 209 -1.87 3.07 23.55
CA ILE A 209 -1.29 3.35 22.25
C ILE A 209 -2.18 4.41 21.62
N SER A 210 -1.65 5.61 21.49
CA SER A 210 -2.44 6.81 21.25
C SER A 210 -1.93 7.58 20.04
N GLU A 211 -2.87 8.22 19.36
CA GLU A 211 -2.65 9.20 18.31
C GLU A 211 -2.05 10.49 18.90
N MET A 212 -1.41 11.30 18.03
CA MET A 212 -0.96 12.64 18.46
C MET A 212 -0.77 13.57 17.26
N MET A 213 -0.97 14.87 17.50
CA MET A 213 -0.88 15.86 16.44
C MET A 213 -0.31 17.16 16.97
N ASP A 214 0.55 17.82 16.16
CA ASP A 214 0.89 19.23 16.33
C ASP A 214 -0.02 19.98 15.36
N VAL A 215 -1.08 20.59 15.90
CA VAL A 215 -2.14 21.13 15.04
C VAL A 215 -1.60 22.22 14.12
N GLU A 216 -0.86 23.17 14.69
CA GLU A 216 -0.42 24.30 13.88
C GLU A 216 0.63 23.89 12.85
N HIS A 217 1.49 22.90 13.17
CA HIS A 217 2.44 22.42 12.17
C HIS A 217 1.73 21.72 11.02
N THR A 218 0.72 20.90 11.33
CA THR A 218 -0.09 20.26 10.30
C THR A 218 -0.76 21.29 9.40
N VAL A 219 -1.36 22.31 10.00
CA VAL A 219 -2.03 23.35 9.22
C VAL A 219 -1.01 24.12 8.36
N ASN A 220 0.15 24.44 8.92
CA ASN A 220 1.12 25.24 8.18
C ASN A 220 1.66 24.49 6.96
N LEU A 221 1.79 23.17 7.04
CA LEU A 221 2.19 22.39 5.88
C LEU A 221 1.13 22.41 4.80
N VAL A 222 -0.15 22.26 5.18
CA VAL A 222 -1.24 22.29 4.22
C VAL A 222 -1.32 23.65 3.52
N LYS A 223 -1.08 24.74 4.27
CA LYS A 223 -1.08 26.07 3.65
C LYS A 223 0.05 26.25 2.65
N ARG A 224 1.22 25.65 2.91
CA ARG A 224 2.30 25.70 1.94
C ARG A 224 1.94 24.96 0.66
N ALA A 225 1.27 23.81 0.79
CA ALA A 225 0.89 23.02 -0.37
C ALA A 225 -0.37 23.55 -1.06
N HIS A 226 -1.05 24.53 -0.47
CA HIS A 226 -2.17 25.23 -1.10
C HIS A 226 -1.95 26.71 -0.87
N PRO A 227 -1.08 27.33 -1.67
CA PRO A 227 -0.65 28.71 -1.38
C PRO A 227 -1.75 29.76 -1.53
N HIS A 228 -2.90 29.40 -2.10
CA HIS A 228 -4.02 30.33 -2.23
C HIS A 228 -5.17 29.95 -1.31
N MET A 229 -4.86 29.29 -0.20
CA MET A 229 -5.89 28.88 0.74
C MET A 229 -6.37 30.11 1.52
N PRO A 230 -7.67 30.42 1.52
CA PRO A 230 -8.15 31.61 2.23
C PRO A 230 -7.93 31.52 3.74
N ALA A 231 -7.92 32.70 4.37
CA ALA A 231 -7.68 32.77 5.81
C ALA A 231 -8.77 32.04 6.60
N GLN A 232 -10.01 32.11 6.13
CA GLN A 232 -11.09 31.40 6.83
C GLN A 232 -10.89 29.89 6.74
N ALA A 233 -10.46 29.38 5.56
CA ALA A 233 -10.41 27.94 5.35
C ALA A 233 -9.36 27.26 6.21
N SER A 234 -8.19 27.91 6.40
CA SER A 234 -7.18 27.30 7.24
C SER A 234 -7.52 27.46 8.72
N LYS A 235 -8.25 28.51 9.06
CA LYS A 235 -8.69 28.70 10.45
C LYS A 235 -9.67 27.59 10.86
N HIS A 236 -10.58 27.23 9.96
CA HIS A 236 -11.57 26.18 10.26
C HIS A 236 -10.93 24.80 10.24
N LEU A 237 -10.00 24.57 9.30
CA LEU A 237 -9.17 23.38 9.38
C LEU A 237 -8.53 23.26 10.76
N SER A 238 -7.95 24.36 11.25
CA SER A 238 -7.27 24.34 12.55
C SER A 238 -8.21 23.90 13.67
N GLN A 239 -9.42 24.45 13.69
CA GLN A 239 -10.34 24.12 14.77
C GLN A 239 -10.87 22.69 14.63
N HIS A 240 -11.16 22.26 13.41
CA HIS A 240 -11.64 20.89 13.21
C HIS A 240 -10.58 19.87 13.61
N LEU A 241 -9.32 20.11 13.23
CA LEU A 241 -8.23 19.24 13.65
C LEU A 241 -8.10 19.19 15.17
N SER A 242 -8.29 20.33 15.84
CA SER A 242 -8.16 20.34 17.30
C SER A 242 -9.31 19.62 17.98
N THR A 243 -10.45 19.58 17.31
CA THR A 243 -11.62 18.87 17.82
C THR A 243 -11.49 17.36 17.64
N HIS A 244 -10.76 16.92 16.61
CA HIS A 244 -10.84 15.56 16.14
C HIS A 244 -9.53 14.79 16.33
N HIS A 245 -8.55 15.39 16.99
CA HIS A 245 -7.26 14.75 17.23
C HIS A 245 -6.76 15.20 18.60
N LEU A 246 -5.73 14.51 19.09
CA LEU A 246 -5.18 14.75 20.43
C LEU A 246 -3.87 15.53 20.34
N THR A 247 -3.79 16.67 21.03
CA THR A 247 -2.52 17.37 21.16
C THR A 247 -1.65 16.65 22.19
N SER A 248 -0.38 17.06 22.27
CA SER A 248 0.52 16.43 23.24
C SER A 248 0.00 16.56 24.66
N GLY A 249 -0.52 17.75 25.01
CA GLY A 249 -1.12 17.92 26.33
C GLY A 249 -2.30 17.00 26.56
N GLU A 250 -3.19 16.89 25.57
CA GLU A 250 -4.37 16.05 25.71
C GLU A 250 -4.01 14.57 25.83
N VAL A 251 -2.96 14.12 25.13
CA VAL A 251 -2.46 12.76 25.32
C VAL A 251 -2.08 12.54 26.78
N GLY A 252 -1.19 13.38 27.30
CA GLY A 252 -0.77 13.24 28.69
C GLY A 252 -1.92 13.33 29.67
N GLN A 253 -2.91 14.18 29.37
CA GLN A 253 -4.07 14.31 30.23
C GLN A 253 -4.92 13.06 30.20
N LEU A 254 -5.07 12.45 29.02
CA LEU A 254 -5.80 11.20 28.88
C LEU A 254 -5.06 10.07 29.56
N ALA A 255 -3.74 9.99 29.35
CA ALA A 255 -2.93 9.02 30.06
C ALA A 255 -3.02 9.18 31.58
N ALA A 256 -3.00 10.44 32.05
CA ALA A 256 -3.04 10.68 33.49
C ALA A 256 -4.41 10.35 34.06
N ASN A 257 -5.48 10.83 33.41
CA ASN A 257 -6.83 10.62 33.93
C ASN A 257 -7.22 9.14 33.95
N ALA A 258 -6.78 8.38 32.94
CA ALA A 258 -7.09 6.96 32.90
C ALA A 258 -6.13 6.13 33.73
N ASN A 259 -5.02 6.73 34.18
CA ASN A 259 -4.05 6.04 35.02
C ASN A 259 -3.47 4.81 34.31
N VAL A 260 -2.97 5.03 33.09
CA VAL A 260 -2.36 3.93 32.35
C VAL A 260 -0.93 3.71 32.84
N LYS A 261 -0.39 2.55 32.54
CA LYS A 261 0.94 2.21 33.01
C LYS A 261 2.04 2.56 32.02
N LYS A 262 1.74 2.68 30.73
CA LYS A 262 2.73 3.18 29.79
C LYS A 262 2.02 3.70 28.56
N VAL A 263 2.66 4.64 27.87
CA VAL A 263 2.09 5.35 26.74
C VAL A 263 3.01 5.19 25.54
N VAL A 264 2.42 4.82 24.40
CA VAL A 264 3.14 4.66 23.14
C VAL A 264 2.42 5.55 22.13
N ILE A 265 3.16 6.47 21.53
CA ILE A 265 2.59 7.42 20.58
C ILE A 265 2.85 6.92 19.17
N THR A 266 1.80 6.78 18.39
CA THR A 266 1.93 6.60 16.95
C THR A 266 0.91 7.52 16.30
N HIS A 267 0.71 7.38 14.99
CA HIS A 267 -0.17 8.28 14.25
C HIS A 267 0.19 9.73 14.58
N MET A 268 1.46 10.04 14.51
CA MET A 268 1.92 11.38 14.83
C MET A 268 1.96 12.20 13.54
N ALA A 269 1.32 13.36 13.56
CA ALA A 269 1.37 14.30 12.45
C ALA A 269 1.78 15.66 12.99
N PRO A 270 2.79 16.32 12.41
CA PRO A 270 3.53 15.79 11.25
C PRO A 270 4.58 14.77 11.64
N GLY A 271 5.24 14.21 10.64
CA GLY A 271 6.27 13.22 10.88
C GLY A 271 7.49 13.88 11.51
N LEU A 272 8.02 13.22 12.54
CA LEU A 272 9.17 13.73 13.27
C LEU A 272 10.47 13.18 12.69
N THR A 273 11.53 14.00 12.74
CA THR A 273 12.81 13.56 12.20
C THR A 273 14.02 13.88 13.07
N ALA A 274 13.93 14.77 14.06
CA ALA A 274 15.08 15.29 14.77
C ALA A 274 14.90 15.20 16.28
N PRO A 275 15.99 14.93 17.01
CA PRO A 275 15.89 14.80 18.48
C PRO A 275 15.23 15.97 19.19
N ALA A 276 15.48 17.21 18.73
CA ALA A 276 14.80 18.37 19.31
C ALA A 276 13.29 18.18 19.31
N GLU A 277 12.73 17.68 18.21
CA GLU A 277 11.28 17.51 18.12
C GLU A 277 10.79 16.48 19.12
N TYR A 278 11.46 15.32 19.17
CA TYR A 278 11.10 14.29 20.14
C TYR A 278 11.11 14.85 21.56
N LYS A 279 12.11 15.67 21.89
CA LYS A 279 12.18 16.24 23.23
C LYS A 279 11.02 17.18 23.50
N LYS A 280 10.70 18.05 22.54
CA LYS A 280 9.58 18.97 22.69
C LYS A 280 8.30 18.23 23.08
N TYR A 281 7.95 17.21 22.30
CA TYR A 281 6.64 16.58 22.48
C TYR A 281 6.61 15.64 23.67
N SER A 282 7.71 14.94 23.93
CA SER A 282 7.77 14.08 25.12
C SER A 282 7.67 14.90 26.39
N ASN A 283 8.34 16.05 26.44
CA ASN A 283 8.25 16.91 27.62
C ASN A 283 6.86 17.53 27.77
N GLU A 284 6.18 17.80 26.65
CA GLU A 284 4.82 18.35 26.74
C GLU A 284 3.85 17.33 27.32
N ILE A 285 3.94 16.07 26.88
CA ILE A 285 3.15 15.00 27.51
C ILE A 285 3.49 14.91 29.00
N ALA A 286 4.78 15.04 29.32
CA ALA A 286 5.25 14.85 30.68
C ALA A 286 4.74 15.91 31.65
N ALA A 287 4.23 17.03 31.14
CA ALA A 287 3.59 18.01 32.00
C ALA A 287 2.36 17.44 32.70
N PHE A 288 1.73 16.42 32.11
CA PHE A 288 0.54 15.80 32.67
C PHE A 288 0.77 14.38 33.16
N TYR A 289 1.60 13.60 32.47
CA TYR A 289 1.76 12.17 32.76
C TYR A 289 3.21 11.86 33.11
N GLN A 290 3.41 11.25 34.27
CA GLN A 290 4.73 10.80 34.71
C GLN A 290 4.75 9.27 34.63
N GLY A 291 5.19 8.77 33.48
CA GLY A 291 5.34 7.35 33.28
C GLY A 291 6.36 7.12 32.18
N ASP A 292 6.42 5.89 31.68
CA ASP A 292 7.29 5.60 30.56
C ASP A 292 6.57 6.00 29.28
N ILE A 293 7.19 6.92 28.53
CA ILE A 293 6.63 7.53 27.32
C ILE A 293 7.56 7.17 26.16
N THR A 294 6.97 6.66 25.08
CA THR A 294 7.72 6.31 23.86
C THR A 294 7.00 6.91 22.66
N LEU A 295 7.75 7.65 21.85
CA LEU A 295 7.28 8.09 20.54
C LEU A 295 7.75 7.06 19.54
N ALA A 296 6.82 6.26 19.03
CA ALA A 296 7.19 5.09 18.25
C ALA A 296 7.76 5.45 16.87
N ASN A 297 8.60 4.55 16.35
CA ASN A 297 9.09 4.58 14.98
C ASN A 297 8.60 3.31 14.27
N ASP A 298 8.62 3.36 12.93
CA ASP A 298 8.22 2.20 12.14
C ASP A 298 9.02 0.97 12.56
N LEU A 299 8.31 -0.12 12.79
CA LEU A 299 8.82 -1.45 13.12
C LEU A 299 9.28 -1.58 14.58
N ASP A 300 8.96 -0.62 15.44
CA ASP A 300 9.24 -0.78 16.87
C ASP A 300 8.38 -1.86 17.48
N ARG A 301 8.95 -2.63 18.42
CA ARG A 301 8.23 -3.73 19.03
C ARG A 301 8.08 -3.49 20.53
N PHE A 302 6.91 -3.82 21.07
CA PHE A 302 6.60 -3.57 22.47
C PHE A 302 6.10 -4.86 23.10
N LEU A 303 6.77 -5.29 24.17
CA LEU A 303 6.46 -6.55 24.82
C LEU A 303 5.19 -6.44 25.65
N LEU A 304 4.20 -7.26 25.32
CA LEU A 304 2.90 -7.25 26.01
C LEU A 304 2.96 -8.20 27.20
N GLN A 305 3.69 -7.76 28.23
CA GLN A 305 4.03 -8.59 29.37
C GLN A 305 4.14 -7.71 30.62
N ARG A 306 3.43 -8.10 31.68
CA ARG A 306 3.52 -7.40 32.96
C ARG A 306 4.79 -7.82 33.68
N SER B 2 25.05 20.59 -11.28
CA SER B 2 24.57 19.24 -11.58
C SER B 2 23.42 18.80 -10.66
N ALA B 3 23.28 19.40 -9.48
CA ALA B 3 22.14 19.15 -8.59
C ALA B 3 20.92 20.02 -8.92
N SER B 4 21.05 20.96 -9.84
CA SER B 4 20.01 21.93 -10.13
C SER B 4 19.35 21.55 -11.45
N ASP B 5 18.00 21.63 -11.52
CA ASP B 5 17.21 21.32 -12.71
C ASP B 5 16.72 19.85 -12.62
N VAL B 6 15.46 19.61 -13.00
CA VAL B 6 14.84 18.28 -12.95
C VAL B 6 15.41 17.40 -14.07
N LYS B 7 15.58 16.11 -13.80
CA LYS B 7 16.02 15.18 -14.84
C LYS B 7 14.94 14.15 -15.14
N ASP B 8 15.02 13.56 -16.33
CA ASP B 8 14.10 12.50 -16.70
C ASP B 8 14.69 11.18 -16.23
N GLU B 9 13.88 10.38 -15.53
CA GLU B 9 14.37 9.23 -14.78
C GLU B 9 13.29 8.17 -14.68
N TRP B 10 13.74 6.90 -14.69
CA TRP B 10 12.94 5.76 -14.24
C TRP B 10 13.40 5.37 -12.83
N ILE B 11 12.47 5.33 -11.89
CA ILE B 11 12.75 4.89 -10.53
C ILE B 11 12.08 3.52 -10.35
N THR B 12 12.88 2.52 -10.03
CA THR B 12 12.37 1.20 -9.70
C THR B 12 11.96 1.21 -8.21
N LEU B 13 10.68 1.53 -7.96
CA LEU B 13 10.18 1.75 -6.59
C LEU B 13 10.09 0.45 -5.80
N GLY B 14 9.54 -0.60 -6.41
CA GLY B 14 9.51 -1.92 -5.82
C GLY B 14 9.94 -3.00 -6.80
N THR B 15 10.93 -3.79 -6.41
CA THR B 15 11.64 -4.67 -7.33
C THR B 15 11.31 -6.14 -7.14
N MET B 16 10.36 -6.49 -6.25
CA MET B 16 10.01 -7.88 -6.03
C MET B 16 9.24 -8.47 -7.21
N GLY B 17 9.51 -9.73 -7.53
CA GLY B 17 8.65 -10.49 -8.42
C GLY B 17 7.64 -11.30 -7.64
N GLY B 18 6.37 -11.19 -8.05
CA GLY B 18 5.32 -12.02 -7.52
C GLY B 18 4.64 -11.52 -6.26
N PRO B 19 3.60 -12.26 -5.84
CA PRO B 19 2.80 -11.86 -4.67
C PRO B 19 3.30 -12.32 -3.32
N ILE B 20 4.41 -13.07 -3.25
CA ILE B 20 5.01 -13.40 -1.96
C ILE B 20 5.89 -12.23 -1.53
N PRO B 21 5.50 -11.49 -0.50
CA PRO B 21 6.26 -10.29 -0.13
C PRO B 21 7.66 -10.63 0.38
N HIS B 22 8.58 -9.67 0.20
CA HIS B 22 9.96 -9.80 0.64
C HIS B 22 10.30 -8.60 1.50
N ALA B 23 11.13 -8.82 2.52
CA ALA B 23 11.50 -7.75 3.45
C ALA B 23 12.25 -6.60 2.77
N THR B 24 13.05 -6.89 1.75
CA THR B 24 13.90 -5.86 1.16
C THR B 24 13.57 -5.57 -0.30
N HIS B 25 12.46 -6.09 -0.82
CA HIS B 25 12.02 -5.81 -2.19
C HIS B 25 10.51 -5.58 -2.11
N SER B 26 10.10 -4.32 -2.14
CA SER B 26 8.68 -3.97 -2.11
C SER B 26 8.01 -4.42 -3.40
N GLN B 27 6.68 -4.46 -3.37
CA GLN B 27 5.86 -5.02 -4.44
C GLN B 27 6.07 -4.25 -5.75
N PRO B 28 5.91 -4.93 -6.91
CA PRO B 28 6.07 -4.25 -8.20
C PRO B 28 5.51 -2.84 -8.26
N SER B 29 6.40 -1.87 -8.44
CA SER B 29 6.06 -0.45 -8.56
C SER B 29 7.19 0.29 -9.28
N ASN B 30 6.82 1.28 -10.10
CA ASN B 30 7.79 2.04 -10.87
C ASN B 30 7.31 3.48 -10.98
N ALA B 31 8.24 4.41 -11.04
CA ALA B 31 7.92 5.81 -11.35
C ALA B 31 8.65 6.24 -12.62
N LEU B 32 7.91 6.90 -13.49
CA LEU B 32 8.45 7.49 -14.70
C LEU B 32 8.29 9.00 -14.55
N PHE B 33 9.40 9.71 -14.54
CA PHE B 33 9.43 11.13 -14.20
C PHE B 33 9.97 11.89 -15.42
N VAL B 34 9.08 12.57 -16.13
CA VAL B 34 9.41 13.20 -17.41
C VAL B 34 8.93 14.64 -17.37
N ASN B 35 9.79 15.57 -17.79
CA ASN B 35 9.50 17.01 -17.84
C ASN B 35 8.91 17.51 -16.52
N GLY B 36 9.44 16.98 -15.41
CA GLY B 36 8.93 17.31 -14.10
C GLY B 36 7.54 16.83 -13.78
N HIS B 37 7.02 15.85 -14.53
CA HIS B 37 5.71 15.27 -14.29
C HIS B 37 5.87 13.82 -13.81
N THR B 38 5.03 13.40 -12.86
CA THR B 38 5.14 12.08 -12.25
C THR B 38 4.10 11.13 -12.82
N TYR B 39 4.57 9.99 -13.35
CA TYR B 39 3.74 8.89 -13.82
C TYR B 39 4.10 7.62 -13.06
N ILE B 40 3.12 6.74 -12.86
CA ILE B 40 3.36 5.44 -12.23
C ILE B 40 3.18 4.33 -13.26
N VAL B 41 4.08 3.33 -13.24
CA VAL B 41 4.00 2.17 -14.13
C VAL B 41 3.99 0.93 -13.23
N ASP B 42 2.77 0.38 -13.04
CA ASP B 42 2.42 -0.73 -12.16
C ASP B 42 2.39 -0.25 -10.71
N ALA B 43 1.50 -0.81 -9.89
CA ALA B 43 1.17 -0.17 -8.62
C ALA B 43 0.84 -1.22 -7.57
N GLY B 44 1.85 -2.00 -7.21
CA GLY B 44 1.72 -2.97 -6.14
C GLY B 44 1.56 -2.26 -4.80
N ASP B 45 1.35 -3.06 -3.76
CA ASP B 45 1.22 -2.52 -2.41
C ASP B 45 2.42 -1.66 -2.06
N GLY B 46 2.17 -0.56 -1.37
CA GLY B 46 3.26 0.30 -0.94
C GLY B 46 3.76 1.26 -2.00
N THR B 47 3.08 1.37 -3.15
CA THR B 47 3.47 2.33 -4.19
C THR B 47 3.47 3.77 -3.64
N VAL B 48 2.42 4.13 -2.91
CA VAL B 48 2.37 5.43 -2.23
C VAL B 48 3.57 5.61 -1.30
N GLY B 49 3.87 4.60 -0.49
CA GLY B 49 4.99 4.74 0.43
C GLY B 49 6.33 4.88 -0.28
N GLN B 50 6.50 4.15 -1.40
CA GLN B 50 7.77 4.13 -2.10
C GLN B 50 8.00 5.39 -2.92
N LEU B 51 6.95 5.92 -3.56
CA LEU B 51 7.15 7.14 -4.34
C LEU B 51 7.48 8.29 -3.40
N THR B 52 6.90 8.29 -2.20
CA THR B 52 7.26 9.31 -1.21
C THR B 52 8.72 9.18 -0.76
N LYS B 53 9.17 7.94 -0.52
CA LYS B 53 10.59 7.71 -0.23
C LYS B 53 11.48 8.20 -1.37
N ALA B 54 10.99 8.13 -2.60
CA ALA B 54 11.80 8.59 -3.73
C ALA B 54 11.70 10.09 -3.96
N GLY B 55 11.08 10.83 -3.02
CA GLY B 55 11.00 12.27 -3.13
C GLY B 55 9.86 12.80 -3.96
N LEU B 56 8.93 11.94 -4.39
CA LEU B 56 7.76 12.33 -5.15
C LEU B 56 6.56 12.49 -4.21
N LYS B 57 5.45 12.97 -4.76
CA LYS B 57 4.25 13.22 -3.97
C LYS B 57 3.03 12.59 -4.64
N THR B 58 2.12 12.03 -3.85
CA THR B 58 0.92 11.42 -4.43
C THR B 58 0.16 12.43 -5.29
N THR B 59 0.12 13.68 -4.85
CA THR B 59 -0.66 14.73 -5.52
C THR B 59 -0.09 15.10 -6.89
N ASP B 60 1.17 14.74 -7.20
CA ASP B 60 1.75 15.02 -8.53
C ASP B 60 1.49 13.92 -9.57
N VAL B 61 0.84 12.81 -9.21
CA VAL B 61 0.74 11.69 -10.15
C VAL B 61 -0.29 12.03 -11.21
N ASP B 62 0.15 12.11 -12.47
CA ASP B 62 -0.75 12.47 -13.55
C ASP B 62 -1.42 11.25 -14.21
N ALA B 63 -0.70 10.15 -14.33
CA ALA B 63 -1.30 8.93 -14.89
C ALA B 63 -0.63 7.71 -14.28
N VAL B 64 -1.37 6.60 -14.32
CA VAL B 64 -0.89 5.27 -13.95
C VAL B 64 -1.05 4.37 -15.18
N PHE B 65 -0.07 3.48 -15.40
CA PHE B 65 -0.03 2.55 -16.52
C PHE B 65 0.10 1.14 -15.94
N ILE B 66 -0.97 0.34 -16.05
CA ILE B 66 -1.01 -1.01 -15.49
C ILE B 66 -0.75 -2.02 -16.61
N SER B 67 0.25 -2.88 -16.41
CA SER B 67 0.62 -3.82 -17.47
C SER B 67 -0.34 -5.01 -17.54
N HIS B 68 -0.78 -5.53 -16.37
CA HIS B 68 -1.82 -6.54 -16.28
C HIS B 68 -2.42 -6.55 -14.87
N LEU B 69 -3.47 -7.35 -14.70
CA LEU B 69 -4.35 -7.25 -13.53
C LEU B 69 -4.05 -8.24 -12.41
N HIS B 70 -2.87 -8.87 -12.43
CA HIS B 70 -2.42 -9.61 -11.25
C HIS B 70 -2.17 -8.65 -10.08
N PHE B 71 -2.40 -9.13 -8.85
CA PHE B 71 -2.49 -8.19 -7.75
C PHE B 71 -1.13 -7.72 -7.20
N ASP B 72 -0.03 -8.43 -7.50
CA ASP B 72 1.27 -7.83 -7.22
C ASP B 72 1.52 -6.58 -8.05
N HIS B 73 0.70 -6.32 -9.09
CA HIS B 73 0.82 -5.14 -9.92
C HIS B 73 -0.28 -4.10 -9.73
N THR B 74 -1.38 -4.43 -9.04
CA THR B 74 -2.45 -3.46 -8.84
C THR B 74 -2.86 -3.28 -7.37
N GLY B 75 -2.34 -4.07 -6.45
CA GLY B 75 -2.83 -4.03 -5.07
C GLY B 75 -2.60 -2.70 -4.38
N GLY B 76 -1.73 -1.86 -4.92
CA GLY B 76 -1.53 -0.55 -4.33
C GLY B 76 -2.35 0.55 -4.94
N LEU B 77 -3.03 0.28 -6.05
CA LEU B 77 -3.78 1.33 -6.75
C LEU B 77 -4.94 1.83 -5.92
N PRO B 78 -5.68 0.97 -5.19
CA PRO B 78 -6.70 1.50 -4.29
C PRO B 78 -6.16 2.54 -3.33
N ALA B 79 -4.96 2.31 -2.76
CA ALA B 79 -4.38 3.30 -1.85
C ALA B 79 -4.04 4.60 -2.56
N LEU B 80 -3.50 4.52 -3.78
CA LEU B 80 -3.15 5.74 -4.51
C LEU B 80 -4.39 6.58 -4.83
N LEU B 81 -5.46 5.95 -5.29
CA LEU B 81 -6.65 6.73 -5.61
C LEU B 81 -7.31 7.29 -4.35
N SER B 82 -7.46 6.46 -3.31
CA SER B 82 -8.20 6.94 -2.15
C SER B 82 -7.41 7.98 -1.35
N LEU B 83 -6.09 7.87 -1.32
CA LEU B 83 -5.33 8.86 -0.56
C LEU B 83 -5.30 10.20 -1.28
N ARG B 84 -5.30 10.16 -2.62
CA ARG B 84 -5.43 11.39 -3.41
C ARG B 84 -6.78 12.04 -3.20
N TRP B 85 -7.85 11.24 -3.15
CA TRP B 85 -9.18 11.80 -2.89
C TRP B 85 -9.25 12.43 -1.51
N GLN B 86 -8.63 11.80 -0.50
CA GLN B 86 -8.72 12.30 0.87
C GLN B 86 -8.02 13.65 1.05
N VAL B 87 -7.06 13.97 0.20
CA VAL B 87 -6.39 15.28 0.25
C VAL B 87 -6.86 16.23 -0.85
N ASN B 88 -7.94 15.87 -1.56
CA ASN B 88 -8.54 16.74 -2.57
C ASN B 88 -7.53 17.13 -3.64
N ALA B 89 -6.76 16.15 -4.11
CA ALA B 89 -5.81 16.40 -5.20
C ALA B 89 -6.50 17.12 -6.34
N GLY B 90 -5.85 18.16 -6.86
CA GLY B 90 -6.47 19.07 -7.81
C GLY B 90 -6.35 18.67 -9.27
N ASN B 91 -5.33 17.88 -9.61
CA ASN B 91 -5.10 17.46 -11.00
C ASN B 91 -5.90 16.21 -11.36
N GLU B 92 -6.25 16.12 -12.64
CA GLU B 92 -6.88 14.93 -13.21
C GLU B 92 -5.88 13.77 -13.28
N LEU B 93 -6.33 12.57 -12.91
CA LEU B 93 -5.50 11.37 -13.02
C LEU B 93 -6.14 10.39 -14.00
N THR B 94 -5.37 9.92 -14.97
CA THR B 94 -5.83 8.92 -15.92
C THR B 94 -5.19 7.57 -15.62
N VAL B 95 -6.01 6.52 -15.53
CA VAL B 95 -5.54 5.14 -15.36
C VAL B 95 -5.64 4.43 -16.71
N TYR B 96 -4.48 4.01 -17.24
CA TYR B 96 -4.40 3.15 -18.43
C TYR B 96 -4.17 1.70 -18.01
N GLY B 97 -4.81 0.77 -18.73
CA GLY B 97 -4.62 -0.64 -18.47
C GLY B 97 -5.33 -1.51 -19.48
N PRO B 98 -5.14 -2.82 -19.38
CA PRO B 98 -5.73 -3.72 -20.38
C PRO B 98 -7.21 -3.90 -20.11
N PRO B 99 -7.94 -4.60 -20.97
CA PRO B 99 -9.37 -4.82 -20.71
C PRO B 99 -9.60 -5.38 -19.31
N GLY B 100 -10.59 -4.81 -18.64
CA GLY B 100 -10.86 -5.13 -17.25
C GLY B 100 -10.42 -4.04 -16.29
N ILE B 101 -9.62 -3.07 -16.75
CA ILE B 101 -9.19 -1.97 -15.88
C ILE B 101 -10.36 -1.05 -15.53
N LYS B 102 -11.37 -0.94 -16.39
CA LYS B 102 -12.54 -0.14 -16.01
C LYS B 102 -13.27 -0.77 -14.82
N GLU B 103 -13.59 -2.07 -14.92
CA GLU B 103 -14.29 -2.76 -13.84
C GLU B 103 -13.47 -2.75 -12.55
N THR B 104 -12.15 -2.85 -12.67
CA THR B 104 -11.27 -2.85 -11.50
C THR B 104 -11.26 -1.49 -10.83
N VAL B 105 -11.13 -0.41 -11.59
CA VAL B 105 -11.17 0.92 -10.96
C VAL B 105 -12.56 1.19 -10.38
N ASP B 106 -13.62 0.67 -11.01
CA ASP B 106 -14.95 0.90 -10.47
C ASP B 106 -15.08 0.26 -9.10
N GLY B 107 -14.50 -0.93 -8.93
CA GLY B 107 -14.47 -1.56 -7.62
C GLY B 107 -13.72 -0.75 -6.60
N ILE B 108 -12.64 -0.07 -7.01
CA ILE B 108 -11.94 0.86 -6.12
C ILE B 108 -12.88 1.95 -5.62
N PHE B 109 -13.64 2.57 -6.54
CA PHE B 109 -14.60 3.59 -6.13
C PHE B 109 -15.68 3.02 -5.22
N ALA B 110 -16.07 1.75 -5.42
CA ALA B 110 -17.02 1.11 -4.52
C ALA B 110 -16.40 0.83 -3.16
N PHE B 111 -15.09 0.51 -3.13
CA PHE B 111 -14.40 0.33 -1.85
C PHE B 111 -14.34 1.64 -1.09
N MET B 112 -14.29 2.76 -1.81
CA MET B 112 -14.19 4.09 -1.21
C MET B 112 -15.52 4.67 -0.74
N LYS B 113 -16.66 4.09 -1.13
CA LYS B 113 -17.91 4.84 -1.13
C LYS B 113 -18.27 5.31 0.27
N TYR B 114 -18.23 4.40 1.24
CA TYR B 114 -18.79 4.66 2.57
C TYR B 114 -17.87 5.55 3.40
N GLY B 115 -16.56 5.31 3.36
CA GLY B 115 -15.64 6.23 3.99
C GLY B 115 -15.70 7.62 3.38
N ALA B 116 -15.90 7.69 2.06
CA ALA B 116 -15.97 8.98 1.37
C ALA B 116 -17.22 9.75 1.75
N ALA B 117 -18.34 9.04 1.88
CA ALA B 117 -19.59 9.66 2.33
C ALA B 117 -19.46 10.17 3.75
N GLY B 118 -18.97 9.33 4.66
CA GLY B 118 -18.73 9.78 6.02
C GLY B 118 -17.72 10.91 6.10
N HIS B 119 -16.75 10.91 5.19
CA HIS B 119 -15.72 11.95 5.11
C HIS B 119 -15.18 12.31 6.50
N TYR B 120 -15.03 13.60 6.81
CA TYR B 120 -14.39 13.99 8.06
C TYR B 120 -15.36 14.11 9.23
N GLY B 121 -16.65 13.86 9.02
CA GLY B 121 -17.61 13.79 10.13
C GLY B 121 -18.04 15.12 10.70
N VAL B 122 -18.13 16.15 9.87
CA VAL B 122 -18.44 17.52 10.27
C VAL B 122 -19.80 17.89 9.68
N PRO B 123 -20.83 18.16 10.48
CA PRO B 123 -22.14 18.49 9.92
C PRO B 123 -22.06 19.70 9.01
N GLY B 124 -22.63 19.58 7.82
CA GLY B 124 -22.51 20.60 6.80
C GLY B 124 -21.46 20.32 5.74
N GLN B 125 -20.63 19.29 5.92
CA GLN B 125 -19.66 18.90 4.90
C GLN B 125 -20.35 18.68 3.56
N ILE B 126 -19.67 19.06 2.49
CA ILE B 126 -20.20 18.92 1.12
C ILE B 126 -19.85 17.54 0.57
N PRO B 127 -20.83 16.79 0.06
CA PRO B 127 -20.51 15.50 -0.57
C PRO B 127 -19.72 15.67 -1.86
N GLU B 128 -18.72 14.80 -2.03
CA GLU B 128 -17.93 14.77 -3.25
C GLU B 128 -17.78 13.32 -3.69
N PRO B 129 -18.04 13.02 -4.96
CA PRO B 129 -18.00 11.62 -5.41
C PRO B 129 -16.59 11.03 -5.32
N ALA B 130 -16.53 9.74 -5.01
CA ALA B 130 -15.25 9.06 -4.89
C ALA B 130 -14.48 9.02 -6.20
N ASN B 131 -15.17 9.16 -7.34
CA ASN B 131 -14.55 9.10 -8.66
C ASN B 131 -14.15 10.46 -9.19
N ARG B 132 -14.08 11.46 -8.30
CA ARG B 132 -13.71 12.81 -8.69
C ARG B 132 -12.31 12.83 -9.32
N LYS B 133 -12.22 13.44 -10.50
CA LYS B 133 -10.96 13.71 -11.20
C LYS B 133 -10.16 12.45 -11.51
N VAL B 134 -10.86 11.35 -11.81
CA VAL B 134 -10.21 10.16 -12.35
C VAL B 134 -10.92 9.76 -13.64
N ASN B 135 -10.16 9.52 -14.71
CA ASN B 135 -10.73 8.82 -15.85
C ASN B 135 -9.88 7.58 -16.18
N VAL B 136 -10.49 6.63 -16.90
CA VAL B 136 -9.90 5.31 -17.13
C VAL B 136 -9.90 5.01 -18.62
N VAL B 137 -8.75 4.60 -19.15
CA VAL B 137 -8.58 4.30 -20.57
C VAL B 137 -8.21 2.82 -20.70
N GLU B 138 -8.99 2.06 -21.47
CA GLU B 138 -8.70 0.65 -21.70
C GLU B 138 -7.83 0.52 -22.94
N LEU B 139 -6.68 -0.12 -22.80
CA LEU B 139 -5.74 -0.28 -23.89
C LEU B 139 -5.80 -1.71 -24.42
N THR B 140 -5.47 -1.87 -25.70
CA THR B 140 -5.37 -3.20 -26.28
C THR B 140 -4.17 -3.23 -27.22
N ASP B 141 -3.82 -4.45 -27.63
CA ASP B 141 -2.58 -4.68 -28.37
C ASP B 141 -2.48 -3.78 -29.59
N GLY B 142 -1.31 -3.14 -29.75
CA GLY B 142 -1.06 -2.28 -30.86
C GLY B 142 -1.48 -0.83 -30.67
N ASP B 143 -2.17 -0.51 -29.59
CA ASP B 143 -2.59 0.88 -29.37
C ASP B 143 -1.38 1.76 -29.14
N LYS B 144 -1.47 3.01 -29.62
CA LYS B 144 -0.50 4.05 -29.32
C LYS B 144 -1.27 5.23 -28.72
N VAL B 145 -0.75 5.76 -27.63
CA VAL B 145 -1.32 6.92 -26.96
C VAL B 145 -0.31 8.04 -27.07
N SER B 146 -0.74 9.19 -27.61
CA SER B 146 0.13 10.33 -27.78
C SER B 146 -0.09 11.26 -26.59
N LEU B 147 0.84 11.26 -25.65
CA LEU B 147 0.88 12.27 -24.60
C LEU B 147 1.97 13.29 -24.91
N GLU B 148 1.89 14.45 -24.26
CA GLU B 148 2.88 15.48 -24.51
C GLU B 148 4.29 15.00 -24.12
N ASP B 149 4.42 14.21 -23.04
CA ASP B 149 5.74 13.88 -22.53
C ASP B 149 6.35 12.62 -23.14
N PHE B 150 5.55 11.77 -23.78
CA PHE B 150 6.06 10.59 -24.49
C PHE B 150 4.93 10.00 -25.31
N THR B 151 5.29 9.18 -26.31
CA THR B 151 4.33 8.35 -27.03
C THR B 151 4.39 6.92 -26.48
N LEU B 152 3.25 6.39 -26.08
CA LEU B 152 3.15 5.06 -25.49
C LEU B 152 2.67 4.07 -26.55
N THR B 153 3.32 2.90 -26.64
CA THR B 153 2.80 1.77 -27.39
C THR B 153 2.56 0.62 -26.43
N ALA B 154 1.43 -0.07 -26.56
CA ALA B 154 1.11 -1.24 -25.76
C ALA B 154 1.00 -2.44 -26.68
N VAL B 155 1.59 -3.57 -26.28
CA VAL B 155 1.48 -4.82 -27.06
C VAL B 155 1.19 -5.99 -26.13
N ARG B 156 0.39 -6.94 -26.62
CA ARG B 156 0.05 -8.14 -25.87
C ARG B 156 1.24 -9.08 -25.90
N ASN B 157 1.64 -9.58 -24.72
CA ASN B 157 2.80 -10.46 -24.61
C ASN B 157 2.36 -11.88 -24.28
N THR B 158 3.31 -12.74 -23.94
CA THR B 158 3.02 -14.16 -23.72
C THR B 158 2.84 -14.53 -22.25
N HIS B 159 2.51 -13.56 -21.39
CA HIS B 159 2.27 -13.88 -19.97
C HIS B 159 1.06 -14.78 -19.80
N PHE B 160 0.05 -14.64 -20.66
CA PHE B 160 -1.11 -15.51 -20.72
C PHE B 160 -1.03 -16.35 -21.98
N SER B 161 -1.58 -17.57 -21.93
CA SER B 161 -1.50 -18.50 -23.06
C SER B 161 -2.86 -18.80 -23.68
N TRP B 162 -3.82 -17.88 -23.58
CA TRP B 162 -5.13 -18.14 -24.17
C TRP B 162 -5.02 -18.26 -25.69
N PRO B 163 -5.74 -19.21 -26.30
CA PRO B 163 -5.68 -19.35 -27.76
C PRO B 163 -6.22 -18.13 -28.47
N GLU B 164 -5.48 -17.66 -29.48
CA GLU B 164 -5.92 -16.50 -30.25
C GLU B 164 -7.32 -16.75 -30.82
N GLY B 165 -8.17 -15.72 -30.73
CA GLY B 165 -9.55 -15.79 -31.12
C GLY B 165 -10.51 -16.09 -29.98
N SER B 166 -10.06 -16.85 -28.97
CA SER B 166 -10.96 -17.32 -27.93
C SER B 166 -11.52 -16.15 -27.12
N ASP B 167 -12.57 -16.45 -26.35
CA ASP B 167 -13.18 -15.46 -25.46
C ASP B 167 -12.16 -14.93 -24.47
N GLU B 168 -11.41 -15.83 -23.84
CA GLU B 168 -10.43 -15.43 -22.83
C GLU B 168 -9.33 -14.58 -23.45
N TRP B 169 -8.91 -14.91 -24.67
CA TRP B 169 -7.86 -14.15 -25.35
C TRP B 169 -8.29 -12.71 -25.56
N LYS B 170 -9.58 -12.48 -25.78
CA LYS B 170 -10.08 -11.10 -25.87
C LYS B 170 -10.16 -10.45 -24.50
N LYS B 171 -10.63 -11.18 -23.49
CA LYS B 171 -10.90 -10.62 -22.17
C LYS B 171 -9.63 -10.40 -21.35
N TYR B 172 -8.68 -11.34 -21.42
CA TYR B 172 -7.49 -11.33 -20.56
C TYR B 172 -6.20 -11.08 -21.37
N GLN B 173 -5.67 -9.88 -21.28
CA GLN B 173 -4.41 -9.55 -21.94
C GLN B 173 -3.40 -8.99 -20.95
N ALA B 174 -2.15 -9.39 -21.12
CA ALA B 174 -1.02 -8.82 -20.39
C ALA B 174 -0.17 -8.02 -21.37
N LEU B 175 0.23 -6.80 -21.01
CA LEU B 175 0.85 -5.85 -21.92
C LEU B 175 2.32 -5.58 -21.58
N SER B 176 3.10 -5.33 -22.62
CA SER B 176 4.40 -4.66 -22.50
C SER B 176 4.30 -3.24 -23.05
N PHE B 177 5.11 -2.32 -22.52
CA PHE B 177 4.98 -0.90 -22.83
C PHE B 177 6.26 -0.34 -23.46
N LYS B 178 6.12 0.45 -24.52
CA LYS B 178 7.24 1.26 -25.02
C LYS B 178 6.94 2.74 -24.77
N PHE B 179 7.87 3.44 -24.15
CA PHE B 179 7.73 4.88 -23.89
C PHE B 179 8.78 5.57 -24.76
N GLU B 180 8.32 6.34 -25.76
CA GLU B 180 9.22 7.08 -26.64
C GLU B 180 9.22 8.53 -26.18
N LEU B 181 10.25 8.91 -25.42
CA LEU B 181 10.43 10.29 -25.02
C LEU B 181 11.10 11.05 -26.16
N GLU B 182 11.27 12.36 -25.95
CA GLU B 182 11.87 13.24 -26.95
C GLU B 182 13.22 12.70 -27.42
N ASP B 183 14.08 12.28 -26.50
CA ASP B 183 15.41 11.83 -26.91
C ASP B 183 15.77 10.48 -26.30
N TYR B 184 14.79 9.60 -26.09
CA TYR B 184 15.06 8.36 -25.36
C TYR B 184 13.90 7.40 -25.51
N THR B 185 14.21 6.11 -25.62
CA THR B 185 13.19 5.06 -25.71
C THR B 185 13.42 4.03 -24.61
N VAL B 186 12.41 3.79 -23.79
CA VAL B 186 12.49 2.81 -22.71
C VAL B 186 11.35 1.81 -22.87
N VAL B 187 11.68 0.52 -22.84
CA VAL B 187 10.71 -0.55 -22.97
C VAL B 187 10.60 -1.29 -21.64
N TYR B 188 9.37 -1.46 -21.16
CA TYR B 188 9.03 -2.14 -19.92
C TYR B 188 8.31 -3.45 -20.25
N THR B 189 8.98 -4.59 -20.01
CA THR B 189 8.35 -5.87 -20.31
C THR B 189 7.06 -6.11 -19.52
N GLY B 190 6.95 -5.54 -18.31
CA GLY B 190 5.96 -6.06 -17.40
C GLY B 190 6.25 -7.53 -17.17
N ASP B 191 5.20 -8.33 -16.94
CA ASP B 191 5.33 -9.78 -16.83
C ASP B 191 5.18 -10.42 -18.21
N THR B 192 6.09 -11.31 -18.58
CA THR B 192 6.00 -11.98 -19.88
C THR B 192 6.88 -13.22 -19.89
N GLY B 193 6.55 -14.18 -20.76
CA GLY B 193 7.48 -15.23 -21.09
C GLY B 193 8.28 -14.81 -22.30
N PRO B 194 9.12 -15.70 -22.86
CA PRO B 194 9.75 -15.38 -24.15
C PRO B 194 8.69 -14.96 -25.14
N SER B 195 9.00 -13.94 -25.94
CA SER B 195 7.97 -13.32 -26.76
C SER B 195 8.61 -12.56 -27.92
N LYS B 196 8.32 -13.01 -29.15
CA LYS B 196 8.71 -12.25 -30.33
C LYS B 196 8.11 -10.84 -30.32
N ALA B 197 6.85 -10.69 -29.88
CA ALA B 197 6.24 -9.36 -29.87
C ALA B 197 7.02 -8.41 -28.98
N VAL B 198 7.47 -8.90 -27.82
CA VAL B 198 8.27 -8.08 -26.92
C VAL B 198 9.63 -7.81 -27.51
N GLU B 199 10.24 -8.82 -28.14
CA GLU B 199 11.53 -8.62 -28.80
C GLU B 199 11.45 -7.52 -29.87
N LEU B 200 10.36 -7.51 -30.65
CA LEU B 200 10.19 -6.51 -31.69
C LEU B 200 9.95 -5.12 -31.11
N LEU B 201 9.11 -5.03 -30.07
CA LEU B 201 8.88 -3.77 -29.38
C LEU B 201 10.16 -3.18 -28.83
N ALA B 202 11.07 -4.02 -28.38
CA ALA B 202 12.26 -3.56 -27.68
C ALA B 202 13.40 -3.24 -28.63
N LYS B 203 13.18 -3.40 -29.93
CA LYS B 203 14.27 -3.30 -30.88
C LYS B 203 14.98 -1.97 -30.75
N ASN B 204 16.29 -2.05 -30.51
CA ASN B 204 17.17 -0.88 -30.47
C ASN B 204 16.82 0.08 -29.34
N ALA B 205 16.04 -0.38 -28.35
CA ALA B 205 15.70 0.47 -27.22
C ALA B 205 16.95 0.97 -26.51
N ASP B 206 16.88 2.18 -25.97
CA ASP B 206 17.95 2.68 -25.12
C ASP B 206 18.04 1.90 -23.82
N MET B 207 16.90 1.58 -23.22
CA MET B 207 16.89 0.85 -21.97
C MET B 207 15.71 -0.10 -21.97
N LEU B 208 15.98 -1.35 -21.61
CA LEU B 208 14.96 -2.38 -21.42
C LEU B 208 14.83 -2.65 -19.92
N ILE B 209 13.61 -2.52 -19.40
CA ILE B 209 13.32 -2.83 -18.01
C ILE B 209 12.61 -4.16 -18.01
N SER B 210 13.30 -5.23 -17.60
CA SER B 210 12.77 -6.57 -17.76
C SER B 210 12.61 -7.27 -16.42
N GLU B 211 11.58 -8.12 -16.34
CA GLU B 211 11.41 -9.06 -15.23
C GLU B 211 12.41 -10.20 -15.35
N MET B 212 12.52 -10.98 -14.27
CA MET B 212 13.40 -12.15 -14.28
C MET B 212 12.99 -13.08 -13.15
N MET B 213 13.25 -14.37 -13.32
CA MET B 213 12.81 -15.38 -12.37
C MET B 213 13.75 -16.58 -12.34
N ASP B 214 14.13 -17.02 -11.13
CA ASP B 214 14.73 -18.34 -10.90
C ASP B 214 13.59 -19.32 -10.65
N VAL B 215 13.24 -20.11 -11.67
CA VAL B 215 11.98 -20.87 -11.62
C VAL B 215 12.03 -21.93 -10.51
N GLU B 216 13.14 -22.66 -10.41
CA GLU B 216 13.16 -23.74 -9.42
C GLU B 216 13.18 -23.19 -8.00
N HIS B 217 13.85 -22.05 -7.77
CA HIS B 217 13.78 -21.46 -6.43
C HIS B 217 12.39 -20.91 -6.13
N THR B 218 11.75 -20.29 -7.13
CA THR B 218 10.38 -19.81 -6.95
C THR B 218 9.44 -20.96 -6.61
N VAL B 219 9.52 -22.05 -7.38
CA VAL B 219 8.73 -23.24 -7.09
C VAL B 219 8.95 -23.70 -5.66
N ASN B 220 10.21 -23.75 -5.23
CA ASN B 220 10.52 -24.14 -3.85
C ASN B 220 9.83 -23.25 -2.82
N LEU B 221 9.75 -21.94 -3.09
CA LEU B 221 9.06 -21.08 -2.13
C LEU B 221 7.57 -21.35 -2.12
N VAL B 222 6.98 -21.62 -3.29
CA VAL B 222 5.55 -21.96 -3.35
C VAL B 222 5.29 -23.25 -2.60
N LYS B 223 6.21 -24.22 -2.71
CA LYS B 223 6.02 -25.51 -2.02
C LYS B 223 6.10 -25.33 -0.51
N ARG B 224 7.08 -24.56 -0.02
CA ARG B 224 7.16 -24.31 1.42
C ARG B 224 5.90 -23.61 1.91
N ALA B 225 5.36 -22.69 1.12
CA ALA B 225 4.11 -22.02 1.49
C ALA B 225 2.93 -22.99 1.51
N HIS B 226 2.95 -24.01 0.66
CA HIS B 226 1.89 -25.02 0.59
C HIS B 226 2.53 -26.38 0.68
N PRO B 227 2.88 -26.84 1.89
CA PRO B 227 3.67 -28.07 2.00
C PRO B 227 2.93 -29.34 1.61
N HIS B 228 1.63 -29.27 1.32
CA HIS B 228 0.91 -30.43 0.82
C HIS B 228 0.56 -30.30 -0.66
N MET B 229 1.24 -29.39 -1.37
CA MET B 229 1.05 -29.28 -2.81
C MET B 229 1.40 -30.62 -3.47
N PRO B 230 0.55 -31.14 -4.34
CA PRO B 230 0.87 -32.42 -4.99
C PRO B 230 2.07 -32.26 -5.91
N ALA B 231 2.77 -33.39 -6.08
CA ALA B 231 3.98 -33.38 -6.90
C ALA B 231 3.70 -33.03 -8.35
N GLN B 232 2.55 -33.46 -8.90
CA GLN B 232 2.26 -33.06 -10.27
C GLN B 232 1.99 -31.56 -10.36
N ALA B 233 1.40 -30.99 -9.31
CA ALA B 233 1.05 -29.57 -9.34
C ALA B 233 2.29 -28.69 -9.39
N SER B 234 3.32 -29.03 -8.60
CA SER B 234 4.55 -28.24 -8.63
C SER B 234 5.31 -28.48 -9.93
N LYS B 235 5.19 -29.67 -10.51
CA LYS B 235 5.77 -29.92 -11.81
C LYS B 235 5.09 -29.09 -12.90
N HIS B 236 3.76 -28.96 -12.84
CA HIS B 236 3.07 -28.14 -13.83
C HIS B 236 3.29 -26.66 -13.57
N LEU B 237 3.39 -26.27 -12.29
CA LEU B 237 3.78 -24.90 -11.96
C LEU B 237 5.14 -24.55 -12.58
N SER B 238 6.11 -25.46 -12.46
CA SER B 238 7.43 -25.21 -13.06
C SER B 238 7.32 -24.98 -14.56
N GLN B 239 6.51 -25.81 -15.25
CA GLN B 239 6.30 -25.64 -16.68
C GLN B 239 5.60 -24.32 -16.97
N HIS B 240 4.59 -23.96 -16.17
CA HIS B 240 3.87 -22.72 -16.41
C HIS B 240 4.76 -21.49 -16.22
N LEU B 241 5.56 -21.46 -15.13
CA LEU B 241 6.42 -20.29 -14.87
C LEU B 241 7.49 -20.13 -15.95
N SER B 242 8.00 -21.23 -16.50
CA SER B 242 9.02 -21.18 -17.55
C SER B 242 8.50 -20.54 -18.83
N THR B 243 7.23 -20.72 -19.15
CA THR B 243 6.69 -20.21 -20.39
C THR B 243 6.01 -18.85 -20.21
N HIS B 244 5.86 -18.37 -18.98
CA HIS B 244 5.12 -17.15 -18.72
C HIS B 244 5.94 -16.10 -17.97
N HIS B 245 7.21 -16.40 -17.70
CA HIS B 245 8.19 -15.50 -17.09
C HIS B 245 9.52 -15.65 -17.83
N LEU B 246 10.50 -14.79 -17.52
CA LEU B 246 11.80 -14.85 -18.20
C LEU B 246 12.88 -15.35 -17.24
N THR B 247 13.45 -16.52 -17.54
CA THR B 247 14.68 -16.95 -16.90
C THR B 247 15.82 -15.98 -17.25
N SER B 248 16.93 -16.09 -16.50
CA SER B 248 18.08 -15.22 -16.73
C SER B 248 18.60 -15.36 -18.16
N GLY B 249 18.67 -16.59 -18.67
CA GLY B 249 19.08 -16.79 -20.05
C GLY B 249 18.09 -16.23 -21.06
N GLU B 250 16.79 -16.29 -20.78
CA GLU B 250 15.84 -15.70 -21.72
C GLU B 250 15.88 -14.18 -21.68
N VAL B 251 16.23 -13.61 -20.52
CA VAL B 251 16.46 -12.16 -20.43
C VAL B 251 17.63 -11.76 -21.34
N GLY B 252 18.73 -12.50 -21.24
CA GLY B 252 19.89 -12.17 -22.08
C GLY B 252 19.61 -12.36 -23.55
N GLN B 253 18.92 -13.45 -23.91
CA GLN B 253 18.53 -13.64 -25.32
C GLN B 253 17.62 -12.51 -25.81
N LEU B 254 16.69 -12.07 -24.96
CA LEU B 254 15.80 -10.98 -25.34
C LEU B 254 16.60 -9.70 -25.61
N ALA B 255 17.45 -9.33 -24.67
CA ALA B 255 18.21 -8.08 -24.79
C ALA B 255 19.16 -8.14 -25.98
N ALA B 256 19.68 -9.32 -26.28
CA ALA B 256 20.62 -9.50 -27.39
C ALA B 256 19.89 -9.46 -28.74
N ASN B 257 18.82 -10.25 -28.88
CA ASN B 257 18.07 -10.28 -30.14
C ASN B 257 17.46 -8.91 -30.44
N ALA B 258 17.04 -8.17 -29.40
CA ALA B 258 16.58 -6.79 -29.60
C ALA B 258 17.71 -5.78 -29.74
N ASN B 259 18.93 -6.12 -29.32
CA ASN B 259 20.06 -5.19 -29.42
C ASN B 259 19.84 -3.92 -28.57
N VAL B 260 19.28 -4.08 -27.37
CA VAL B 260 19.08 -2.93 -26.50
C VAL B 260 20.42 -2.42 -26.00
N LYS B 261 20.46 -1.12 -25.66
CA LYS B 261 21.71 -0.49 -25.22
C LYS B 261 22.03 -0.79 -23.75
N LYS B 262 21.02 -1.00 -22.92
CA LYS B 262 21.27 -1.42 -21.55
C LYS B 262 20.01 -2.09 -21.02
N VAL B 263 20.20 -3.03 -20.11
CA VAL B 263 19.09 -3.75 -19.52
C VAL B 263 19.12 -3.54 -18.02
N VAL B 264 17.93 -3.48 -17.42
CA VAL B 264 17.73 -3.25 -16.00
C VAL B 264 16.68 -4.25 -15.54
N ILE B 265 17.06 -5.12 -14.58
CA ILE B 265 16.16 -6.17 -14.12
C ILE B 265 15.40 -5.69 -12.89
N THR B 266 14.08 -5.84 -12.92
CA THR B 266 13.22 -5.64 -11.78
C THR B 266 12.28 -6.83 -11.77
N HIS B 267 11.29 -6.84 -10.89
CA HIS B 267 10.37 -7.97 -10.80
C HIS B 267 11.12 -9.30 -10.78
N MET B 268 12.08 -9.40 -9.85
CA MET B 268 12.93 -10.58 -9.76
C MET B 268 12.43 -11.47 -8.64
N ALA B 269 12.22 -12.75 -8.96
CA ALA B 269 11.71 -13.72 -8.01
C ALA B 269 12.61 -14.96 -8.02
N PRO B 270 13.03 -15.46 -6.86
CA PRO B 270 12.82 -14.83 -5.54
C PRO B 270 13.69 -13.59 -5.32
N GLY B 271 13.43 -12.84 -4.25
CA GLY B 271 14.22 -11.65 -3.99
C GLY B 271 15.67 -12.02 -3.71
N LEU B 272 16.59 -11.18 -4.14
CA LEU B 272 18.02 -11.40 -3.97
C LEU B 272 18.52 -10.66 -2.74
N THR B 273 19.50 -11.27 -2.04
CA THR B 273 20.05 -10.66 -0.83
C THR B 273 21.56 -10.74 -0.69
N ALA B 274 22.28 -11.43 -1.57
CA ALA B 274 23.68 -11.71 -1.36
C ALA B 274 24.47 -11.47 -2.64
N PRO B 275 25.73 -11.01 -2.52
CA PRO B 275 26.52 -10.74 -3.73
C PRO B 275 26.79 -11.97 -4.58
N ALA B 276 26.86 -13.17 -4.01
CA ALA B 276 27.03 -14.35 -4.86
C ALA B 276 25.84 -14.52 -5.79
N GLU B 277 24.64 -14.21 -5.32
CA GLU B 277 23.45 -14.25 -6.17
C GLU B 277 23.53 -13.24 -7.31
N TYR B 278 23.94 -12.01 -6.99
CA TYR B 278 24.06 -11.00 -8.04
C TYR B 278 25.07 -11.42 -9.09
N LYS B 279 26.16 -12.03 -8.66
CA LYS B 279 27.18 -12.47 -9.61
C LYS B 279 26.66 -13.63 -10.47
N LYS B 280 25.92 -14.55 -9.87
CA LYS B 280 25.38 -15.69 -10.62
C LYS B 280 24.45 -15.21 -11.74
N TYR B 281 23.41 -14.44 -11.37
CA TYR B 281 22.36 -14.10 -12.32
C TYR B 281 22.86 -13.11 -13.37
N SER B 282 23.64 -12.10 -12.98
CA SER B 282 24.17 -11.18 -14.00
C SER B 282 25.07 -11.91 -14.97
N ASN B 283 25.83 -12.91 -14.51
CA ASN B 283 26.67 -13.67 -15.43
C ASN B 283 25.85 -14.57 -16.34
N GLU B 284 24.75 -15.11 -15.84
CA GLU B 284 23.88 -15.89 -16.70
C GLU B 284 23.25 -15.04 -17.79
N ILE B 285 22.92 -13.77 -17.50
CA ILE B 285 22.43 -12.86 -18.53
C ILE B 285 23.56 -12.50 -19.50
N ALA B 286 24.74 -12.21 -18.95
CA ALA B 286 25.90 -11.82 -19.75
C ALA B 286 26.36 -12.90 -20.72
N ALA B 287 26.05 -14.18 -20.44
CA ALA B 287 26.42 -15.25 -21.37
C ALA B 287 25.78 -15.04 -22.74
N PHE B 288 24.71 -14.25 -22.81
CA PHE B 288 23.99 -14.00 -24.03
C PHE B 288 24.04 -12.55 -24.47
N TYR B 289 24.05 -11.61 -23.53
CA TYR B 289 23.95 -10.18 -23.83
C TYR B 289 25.23 -9.47 -23.43
N GLN B 290 25.77 -8.69 -24.36
CA GLN B 290 27.08 -8.07 -24.23
C GLN B 290 27.05 -6.66 -23.65
N GLY B 291 25.87 -6.05 -23.48
CA GLY B 291 25.76 -4.68 -23.02
C GLY B 291 25.72 -4.53 -21.50
N ASP B 292 25.33 -3.33 -21.07
CA ASP B 292 25.28 -2.99 -19.66
C ASP B 292 24.09 -3.68 -18.98
N ILE B 293 24.33 -4.27 -17.82
CA ILE B 293 23.33 -5.01 -17.06
C ILE B 293 23.29 -4.45 -15.64
N THR B 294 22.09 -4.24 -15.10
CA THR B 294 21.92 -3.78 -13.73
C THR B 294 20.74 -4.54 -13.13
N LEU B 295 20.94 -5.16 -11.97
CA LEU B 295 19.85 -5.77 -11.21
C LEU B 295 19.40 -4.73 -10.18
N ALA B 296 18.22 -4.16 -10.40
CA ALA B 296 17.81 -2.98 -9.67
C ALA B 296 17.48 -3.30 -8.21
N ASN B 297 17.64 -2.28 -7.37
CA ASN B 297 17.16 -2.25 -6.00
C ASN B 297 16.07 -1.20 -5.87
N ASP B 298 15.22 -1.37 -4.85
CA ASP B 298 14.20 -0.40 -4.49
C ASP B 298 14.79 0.98 -4.40
N LEU B 299 14.23 1.91 -5.17
CA LEU B 299 14.48 3.34 -5.15
C LEU B 299 15.68 3.70 -6.04
N ASP B 300 16.33 2.71 -6.67
CA ASP B 300 17.31 2.98 -7.71
C ASP B 300 16.70 3.87 -8.78
N ARG B 301 17.53 4.76 -9.33
CA ARG B 301 17.09 5.74 -10.32
C ARG B 301 17.94 5.58 -11.57
N PHE B 302 17.30 5.69 -12.73
CA PHE B 302 18.00 5.48 -13.99
C PHE B 302 17.71 6.66 -14.92
N LEU B 303 18.77 7.35 -15.33
CA LEU B 303 18.66 8.57 -16.12
C LEU B 303 18.23 8.26 -17.55
N LEU B 304 17.22 8.98 -18.02
CA LEU B 304 16.67 8.78 -19.36
C LEU B 304 17.34 9.73 -20.36
N GLN B 305 18.64 9.53 -20.52
CA GLN B 305 19.51 10.35 -21.36
C GLN B 305 20.53 9.48 -22.04
N ARG B 306 20.65 9.62 -23.37
CA ARG B 306 21.63 8.85 -24.14
C ARG B 306 23.07 9.24 -23.81
CA CA C . -5.83 9.07 10.70
CA CA D . -9.10 9.71 10.80
MN MN E . -6.27 11.89 10.13
CA CA F . 1.74 -11.49 -13.55
CA CA G . 4.01 -10.18 -11.47
#